data_8AKI
#
_entry.id   8AKI
#
_cell.length_a   60.513
_cell.length_b   79.378
_cell.length_c   56.208
_cell.angle_alpha   90.000
_cell.angle_beta   90.000
_cell.angle_gamma   90.000
#
_symmetry.space_group_name_H-M   'P 21 21 2'
#
loop_
_entity.id
_entity.type
_entity.pdbx_description
1 polymer 'Carbapenem-hydrolyzing beta-lactamase KPC'
2 non-polymer '(2R,4S)-2-[(1R)-1-{[(2R)-2-amino-2-phenylacetyl]amino}-2-oxoethyl]-5,5-dimethyl-1,3-thiazolidine-4-carboxylic acid'
3 non-polymer 'SULFATE ION'
4 non-polymer GLYCEROL
5 water water
#
_entity_poly.entity_id   1
_entity_poly.type   'polypeptide(L)'
_entity_poly.pdbx_seq_one_letter_code
;MGSSHHHHHHSSGLVPRGSHMLTNLVAEPFAKLEQDFGGSIGVYAMDTGSGATVSYRAEERFPLCSSFKGFLAAAVLARS
QQQAGLLDTPIRYGKNALVPWSPISEKYLTTGMTVAELSAAAVQYSDNAAANLLLKELGGPAGLTAFMRSIGDTTFRLDR
WQLELNSAIPGDARDTSSPRAVTESLQKLTLGSALAAPQRQQFVDWLKGNTTGNHRIRAAVPADWAVGDKTGTCGVYGTA
NDYAVVWPTGRAPIVLAVYTRAPNKDDKHSEAVIAAAARLALEGLGVNGQ
;
_entity_poly.pdbx_strand_id   A
#
# COMPACT_ATOMS: atom_id res chain seq x y z
N LEU A 22 19.98 -13.90 -8.08
CA LEU A 22 20.15 -12.84 -7.08
C LEU A 22 19.04 -12.82 -6.03
N THR A 23 18.26 -13.89 -5.99
CA THR A 23 17.15 -14.01 -5.04
C THR A 23 17.62 -14.79 -3.83
N ASN A 24 17.41 -14.21 -2.65
CA ASN A 24 17.72 -14.88 -1.38
C ASN A 24 19.17 -15.36 -1.36
N LEU A 25 20.09 -14.44 -1.67
CA LEU A 25 21.51 -14.76 -1.53
C LEU A 25 21.87 -15.09 -0.09
N VAL A 26 21.10 -14.56 0.85
CA VAL A 26 21.30 -14.76 2.28
C VAL A 26 19.95 -15.14 2.89
N ALA A 27 19.90 -16.32 3.49
CA ALA A 27 18.67 -16.80 4.11
C ALA A 27 18.38 -16.04 5.40
N GLU A 28 17.10 -15.78 5.66
CA GLU A 28 16.63 -15.10 6.85
C GLU A 28 15.49 -15.88 7.50
N PRO A 29 15.35 -15.80 8.85
CA PRO A 29 14.40 -16.65 9.59
C PRO A 29 12.96 -16.15 9.53
N PHE A 30 12.40 -16.09 8.32
CA PHE A 30 11.01 -15.70 8.18
C PHE A 30 10.06 -16.76 8.74
N ALA A 31 10.42 -18.03 8.61
CA ALA A 31 9.54 -19.12 9.07
C ALA A 31 9.34 -19.05 10.58
N LYS A 32 10.44 -18.87 11.33
CA LYS A 32 10.28 -18.74 12.78
C LYS A 32 9.43 -17.53 13.14
N LEU A 33 9.61 -16.41 12.44
CA LEU A 33 8.82 -15.21 12.71
C LEU A 33 7.32 -15.46 12.50
N GLU A 34 6.94 -16.11 11.38
CA GLU A 34 5.51 -16.29 11.14
C GLU A 34 4.95 -17.32 12.12
N GLN A 35 5.76 -18.28 12.54
CA GLN A 35 5.32 -19.27 13.51
C GLN A 35 5.07 -18.64 14.87
N ASP A 36 5.95 -17.74 15.30
CA ASP A 36 5.71 -17.03 16.55
C ASP A 36 4.47 -16.15 16.45
N PHE A 37 4.21 -15.59 15.27
CA PHE A 37 3.00 -14.78 15.05
C PHE A 37 1.74 -15.64 14.99
N GLY A 38 1.86 -16.89 14.54
CA GLY A 38 0.71 -17.75 14.43
C GLY A 38 -0.04 -17.65 13.12
N GLY A 39 0.64 -17.27 12.05
CA GLY A 39 0.00 -17.06 10.77
C GLY A 39 0.99 -17.19 9.66
N SER A 40 0.74 -16.49 8.57
CA SER A 40 1.61 -16.44 7.40
C SER A 40 2.07 -15.01 7.13
N ILE A 41 3.33 -14.88 6.72
CA ILE A 41 3.92 -13.59 6.35
C ILE A 41 4.45 -13.70 4.93
N GLY A 42 4.15 -12.67 4.11
CA GLY A 42 4.59 -12.60 2.74
C GLY A 42 5.46 -11.38 2.51
N VAL A 43 6.66 -11.57 1.94
CA VAL A 43 7.63 -10.47 1.81
C VAL A 43 8.26 -10.50 0.44
N TYR A 44 8.35 -9.34 -0.19
N TYR A 44 8.39 -9.32 -0.18
CA TYR A 44 9.18 -9.16 -1.38
CA TYR A 44 9.20 -9.18 -1.40
C TYR A 44 9.90 -7.82 -1.23
C TYR A 44 9.88 -7.82 -1.40
N ALA A 45 11.21 -7.84 -1.45
CA ALA A 45 12.01 -6.63 -1.36
C ALA A 45 13.02 -6.62 -2.51
N MET A 46 13.13 -5.47 -3.16
N MET A 46 13.20 -5.44 -3.09
CA MET A 46 13.99 -5.28 -4.32
CA MET A 46 13.96 -5.25 -4.32
C MET A 46 15.00 -4.17 -4.06
C MET A 46 14.98 -4.13 -4.13
N ASP A 47 16.26 -4.46 -4.34
CA ASP A 47 17.31 -3.44 -4.39
C ASP A 47 17.36 -2.93 -5.82
N THR A 48 16.93 -1.68 -6.04
CA THR A 48 16.80 -1.19 -7.42
C THR A 48 18.14 -0.93 -8.09
N GLY A 49 19.23 -0.89 -7.34
CA GLY A 49 20.55 -0.75 -7.92
C GLY A 49 21.04 -2.00 -8.61
N SER A 50 21.16 -3.09 -7.85
CA SER A 50 21.72 -4.34 -8.37
C SER A 50 20.68 -5.31 -8.91
N GLY A 51 19.42 -5.15 -8.54
CA GLY A 51 18.40 -6.11 -8.88
C GLY A 51 18.23 -7.25 -7.89
N ALA A 52 19.01 -7.27 -6.81
CA ALA A 52 18.92 -8.32 -5.82
C ALA A 52 17.58 -8.24 -5.08
N THR A 53 17.08 -9.42 -4.67
CA THR A 53 15.77 -9.50 -4.04
C THR A 53 15.80 -10.43 -2.83
N VAL A 54 14.87 -10.17 -1.91
CA VAL A 54 14.50 -11.08 -0.83
C VAL A 54 13.04 -11.46 -1.04
N SER A 55 12.73 -12.75 -0.91
N SER A 55 12.74 -12.76 -0.99
CA SER A 55 11.42 -13.23 -1.29
CA SER A 55 11.39 -13.24 -1.29
C SER A 55 11.01 -14.38 -0.38
C SER A 55 11.01 -14.37 -0.35
N TYR A 56 9.84 -14.25 0.26
CA TYR A 56 9.28 -15.29 1.15
C TYR A 56 7.78 -15.26 0.98
N ARG A 57 7.18 -16.39 0.54
CA ARG A 57 5.75 -16.47 0.20
C ARG A 57 5.33 -15.34 -0.72
N ALA A 58 6.22 -14.94 -1.63
CA ALA A 58 6.04 -13.68 -2.35
C ALA A 58 4.99 -13.75 -3.44
N GLU A 59 4.63 -14.94 -3.90
CA GLU A 59 3.62 -15.08 -4.95
C GLU A 59 2.29 -15.62 -4.42
N GLU A 60 2.15 -15.74 -3.11
CA GLU A 60 0.84 -16.05 -2.54
C GLU A 60 -0.03 -14.82 -2.51
N ARG A 61 -1.34 -15.03 -2.60
CA ARG A 61 -2.28 -13.94 -2.43
C ARG A 61 -2.51 -13.61 -0.96
N PHE A 62 -2.57 -12.32 -0.66
CA PHE A 62 -2.95 -11.79 0.65
C PHE A 62 -3.96 -10.67 0.42
N PRO A 63 -4.90 -10.49 1.35
CA PRO A 63 -5.85 -9.36 1.25
C PRO A 63 -5.12 -8.02 1.22
N LEU A 64 -5.60 -7.13 0.33
CA LEU A 64 -5.06 -5.77 0.25
C LEU A 64 -5.45 -4.91 1.46
N CYS A 65 -6.65 -5.12 2.00
CA CYS A 65 -7.23 -4.20 2.99
C CYS A 65 -7.08 -2.78 2.41
N SER A 66 -6.81 -1.79 3.26
CA SER A 66 -6.72 -0.40 2.79
C SER A 66 -5.50 -0.10 1.94
N SER A 67 -4.56 -1.04 1.75
CA SER A 67 -3.37 -0.75 0.95
C SER A 67 -3.69 -0.48 -0.51
N PHE A 68 -4.91 -0.81 -0.98
CA PHE A 68 -5.27 -0.48 -2.35
C PHE A 68 -5.26 1.02 -2.60
N LYS A 69 -5.39 1.82 -1.55
CA LYS A 69 -5.59 3.27 -1.74
C LYS A 69 -4.35 3.96 -2.30
N GLY A 70 -3.14 3.44 -2.06
CA GLY A 70 -1.99 4.01 -2.74
C GLY A 70 -2.10 3.91 -4.24
N PHE A 71 -2.43 2.70 -4.74
CA PHE A 71 -2.60 2.52 -6.17
C PHE A 71 -3.77 3.33 -6.72
N LEU A 72 -4.80 3.52 -5.91
CA LEU A 72 -5.92 4.37 -6.29
C LEU A 72 -5.46 5.81 -6.52
N ALA A 73 -4.65 6.34 -5.62
CA ALA A 73 -4.13 7.70 -5.80
C ALA A 73 -3.23 7.78 -7.03
N ALA A 74 -2.44 6.75 -7.30
CA ALA A 74 -1.64 6.74 -8.54
C ALA A 74 -2.55 6.75 -9.77
N ALA A 75 -3.68 6.04 -9.71
CA ALA A 75 -4.60 6.00 -10.86
C ALA A 75 -5.24 7.35 -11.09
N VAL A 76 -5.56 8.06 -10.01
CA VAL A 76 -6.06 9.44 -10.13
C VAL A 76 -5.01 10.33 -10.79
N LEU A 77 -3.76 10.23 -10.33
CA LEU A 77 -2.69 11.04 -10.92
C LEU A 77 -2.52 10.74 -12.41
N ALA A 78 -2.61 9.47 -12.79
CA ALA A 78 -2.54 9.10 -14.20
C ALA A 78 -3.64 9.78 -15.00
N ARG A 79 -4.86 9.74 -14.48
CA ARG A 79 -5.96 10.39 -15.19
C ARG A 79 -5.70 11.89 -15.33
N SER A 80 -5.11 12.50 -14.29
CA SER A 80 -4.90 13.95 -14.30
C SER A 80 -3.92 14.38 -15.38
N GLN A 81 -3.07 13.48 -15.87
CA GLN A 81 -2.21 13.83 -17.00
C GLN A 81 -3.05 14.17 -18.23
N GLN A 82 -4.24 13.59 -18.35
CA GLN A 82 -5.15 13.83 -19.47
C GLN A 82 -6.26 14.82 -19.14
N GLN A 83 -6.47 15.12 -17.86
CA GLN A 83 -7.51 16.06 -17.42
C GLN A 83 -6.84 17.08 -16.51
N ALA A 84 -6.40 18.20 -17.09
CA ALA A 84 -5.59 19.17 -16.35
C ALA A 84 -6.30 19.71 -15.12
N GLY A 85 -7.62 19.72 -15.12
CA GLY A 85 -8.34 20.30 -14.01
C GLY A 85 -8.78 19.33 -12.94
N LEU A 86 -8.39 18.05 -13.05
CA LEU A 86 -8.99 17.03 -12.20
C LEU A 86 -8.66 17.27 -10.73
N LEU A 87 -7.38 17.49 -10.41
CA LEU A 87 -6.98 17.53 -9.01
C LEU A 87 -7.64 18.67 -8.25
N ASP A 88 -7.96 19.77 -8.92
CA ASP A 88 -8.55 20.93 -8.28
C ASP A 88 -10.08 20.90 -8.27
N THR A 89 -10.68 19.81 -8.72
CA THR A 89 -12.13 19.75 -8.78
C THR A 89 -12.72 19.59 -7.39
N PRO A 90 -13.65 20.45 -6.97
CA PRO A 90 -14.30 20.25 -5.67
C PRO A 90 -15.34 19.14 -5.71
N ILE A 91 -15.32 18.30 -4.67
CA ILE A 91 -16.25 17.21 -4.51
C ILE A 91 -17.07 17.44 -3.24
N ARG A 92 -18.39 17.57 -3.40
CA ARG A 92 -19.31 17.64 -2.28
C ARG A 92 -19.93 16.26 -2.05
N TYR A 93 -20.24 15.97 -0.79
CA TYR A 93 -20.73 14.66 -0.42
C TYR A 93 -21.64 14.79 0.79
N GLY A 94 -22.59 13.87 0.91
CA GLY A 94 -23.52 13.87 2.00
C GLY A 94 -23.11 12.95 3.13
N LYS A 95 -23.87 13.01 4.21
CA LYS A 95 -23.53 12.23 5.40
C LYS A 95 -23.53 10.73 5.09
N ASN A 96 -24.36 10.29 4.15
CA ASN A 96 -24.41 8.88 3.80
C ASN A 96 -23.12 8.37 3.17
N ALA A 97 -22.19 9.24 2.80
CA ALA A 97 -20.90 8.83 2.24
C ALA A 97 -19.86 8.56 3.32
N LEU A 98 -20.11 8.98 4.56
CA LEU A 98 -19.13 8.85 5.62
C LEU A 98 -19.16 7.42 6.15
N VAL A 99 -18.03 6.72 6.03
N VAL A 99 -18.02 6.75 6.05
CA VAL A 99 -17.94 5.36 6.53
CA VAL A 99 -17.80 5.37 6.47
C VAL A 99 -17.01 5.39 7.74
C VAL A 99 -17.06 5.46 7.80
N PRO A 100 -17.16 4.46 8.68
CA PRO A 100 -16.29 4.47 9.87
C PRO A 100 -14.82 4.60 9.50
N TRP A 101 -14.08 5.37 10.32
N TRP A 101 -14.07 5.28 10.37
CA TRP A 101 -12.67 5.66 10.11
CA TRP A 101 -12.70 5.73 10.15
C TRP A 101 -12.46 6.59 8.92
C TRP A 101 -12.60 6.56 8.85
N SER A 102 -13.07 7.79 8.99
CA SER A 102 -12.95 8.84 7.97
C SER A 102 -12.56 10.14 8.66
N PRO A 103 -11.34 10.20 9.20
CA PRO A 103 -10.98 11.30 10.13
C PRO A 103 -10.82 12.65 9.47
N ILE A 104 -10.51 12.70 8.17
CA ILE A 104 -10.38 13.98 7.47
C ILE A 104 -11.70 14.40 6.84
N SER A 105 -12.32 13.50 6.07
CA SER A 105 -13.51 13.88 5.32
C SER A 105 -14.67 14.27 6.24
N GLU A 106 -14.72 13.71 7.45
CA GLU A 106 -15.77 14.10 8.38
C GLU A 106 -15.67 15.56 8.79
N LYS A 107 -14.46 16.16 8.74
N LYS A 107 -14.46 16.15 8.74
CA LYS A 107 -14.26 17.56 9.11
CA LYS A 107 -14.27 17.55 9.10
C LYS A 107 -14.61 18.53 7.97
C LYS A 107 -14.63 18.52 7.98
N TYR A 108 -14.83 18.03 6.75
CA TYR A 108 -15.18 18.86 5.61
C TYR A 108 -16.54 18.45 5.00
N LEU A 109 -17.34 17.70 5.76
CA LEU A 109 -18.68 17.31 5.28
C LEU A 109 -19.49 18.53 4.84
N THR A 110 -19.45 19.60 5.61
CA THR A 110 -20.25 20.76 5.31
C THR A 110 -19.63 21.68 4.25
N THR A 111 -18.43 21.34 3.75
CA THR A 111 -17.75 22.20 2.80
C THR A 111 -17.35 21.50 1.50
N GLY A 112 -17.10 20.19 1.51
CA GLY A 112 -16.47 19.52 0.40
C GLY A 112 -14.96 19.58 0.47
N MET A 113 -14.33 18.79 -0.41
N MET A 113 -14.33 18.78 -0.41
CA MET A 113 -12.88 18.76 -0.54
CA MET A 113 -12.88 18.65 -0.52
C MET A 113 -12.53 18.54 -2.00
C MET A 113 -12.53 18.51 -2.01
N THR A 114 -11.32 18.93 -2.37
CA THR A 114 -10.88 18.69 -3.76
C THR A 114 -10.45 17.24 -3.95
N VAL A 115 -10.39 16.83 -5.23
CA VAL A 115 -9.87 15.50 -5.59
C VAL A 115 -8.47 15.29 -5.02
N ALA A 116 -7.60 16.29 -5.14
CA ALA A 116 -6.26 16.14 -4.59
C ALA A 116 -6.32 15.96 -3.07
N GLU A 117 -7.20 16.70 -2.39
CA GLU A 117 -7.29 16.58 -0.94
C GLU A 117 -7.85 15.23 -0.52
N LEU A 118 -8.83 14.71 -1.27
CA LEU A 118 -9.32 13.36 -1.00
C LEU A 118 -8.21 12.34 -1.20
N SER A 119 -7.39 12.52 -2.24
CA SER A 119 -6.31 11.58 -2.51
C SER A 119 -5.28 11.59 -1.39
N ALA A 120 -4.90 12.78 -0.92
CA ALA A 120 -3.98 12.90 0.21
C ALA A 120 -4.56 12.27 1.47
N ALA A 121 -5.86 12.48 1.73
CA ALA A 121 -6.47 11.89 2.93
C ALA A 121 -6.51 10.37 2.87
N ALA A 122 -6.87 9.82 1.70
CA ALA A 122 -6.87 8.36 1.53
C ALA A 122 -5.47 7.78 1.74
N VAL A 123 -4.44 8.42 1.20
CA VAL A 123 -3.09 7.87 1.33
C VAL A 123 -2.55 8.07 2.74
N GLN A 124 -2.76 9.27 3.33
CA GLN A 124 -1.99 9.68 4.51
C GLN A 124 -2.69 9.42 5.85
N TYR A 125 -4.02 9.27 5.83
CA TYR A 125 -4.83 8.98 7.00
C TYR A 125 -5.67 7.73 6.78
N SER A 126 -5.56 7.10 5.61
CA SER A 126 -6.41 5.97 5.23
C SER A 126 -7.88 6.30 5.44
N ASP A 127 -8.26 7.51 5.05
CA ASP A 127 -9.66 7.95 5.15
C ASP A 127 -10.54 7.08 4.25
N ASN A 128 -11.46 6.34 4.87
CA ASN A 128 -12.25 5.35 4.12
C ASN A 128 -13.29 6.01 3.21
N ALA A 129 -13.92 7.10 3.67
CA ALA A 129 -14.89 7.77 2.81
C ALA A 129 -14.24 8.38 1.59
N ALA A 130 -13.07 9.02 1.79
CA ALA A 130 -12.34 9.61 0.67
C ALA A 130 -12.00 8.55 -0.38
N ALA A 131 -11.55 7.37 0.08
CA ALA A 131 -11.22 6.29 -0.85
C ALA A 131 -12.45 5.84 -1.67
N ASN A 132 -13.62 5.71 -1.04
CA ASN A 132 -14.80 5.31 -1.80
C ASN A 132 -15.23 6.37 -2.82
N LEU A 133 -15.14 7.65 -2.45
CA LEU A 133 -15.45 8.71 -3.40
C LEU A 133 -14.51 8.67 -4.61
N LEU A 134 -13.23 8.42 -4.37
CA LEU A 134 -12.28 8.39 -5.48
C LEU A 134 -12.50 7.15 -6.34
N LEU A 135 -12.81 6.01 -5.70
CA LEU A 135 -13.13 4.80 -6.46
C LEU A 135 -14.28 5.04 -7.42
N LYS A 136 -15.31 5.75 -6.96
CA LYS A 136 -16.42 6.11 -7.84
C LYS A 136 -15.94 6.88 -9.05
N GLU A 137 -15.05 7.86 -8.84
CA GLU A 137 -14.55 8.68 -9.94
C GLU A 137 -13.87 7.84 -11.01
N LEU A 138 -13.19 6.76 -10.60
CA LEU A 138 -12.45 5.90 -11.51
C LEU A 138 -13.28 4.78 -12.12
N GLY A 139 -14.56 4.68 -11.79
CA GLY A 139 -15.36 3.60 -12.33
C GLY A 139 -15.34 2.34 -11.49
N GLY A 140 -15.07 2.47 -10.19
CA GLY A 140 -15.25 1.40 -9.27
C GLY A 140 -14.08 0.43 -9.25
N PRO A 141 -14.25 -0.68 -8.53
CA PRO A 141 -13.15 -1.67 -8.43
C PRO A 141 -12.60 -2.15 -9.77
N ALA A 142 -13.47 -2.36 -10.77
CA ALA A 142 -12.99 -2.76 -12.07
C ALA A 142 -12.14 -1.68 -12.75
N GLY A 143 -12.43 -0.40 -12.47
CA GLY A 143 -11.64 0.66 -13.08
C GLY A 143 -10.24 0.75 -12.49
N LEU A 144 -10.14 0.58 -11.17
CA LEU A 144 -8.81 0.49 -10.57
C LEU A 144 -8.05 -0.75 -11.05
N THR A 145 -8.74 -1.89 -11.13
CA THR A 145 -8.08 -3.10 -11.66
C THR A 145 -7.56 -2.86 -13.08
N ALA A 146 -8.36 -2.18 -13.91
CA ALA A 146 -7.94 -1.85 -15.26
C ALA A 146 -6.69 -0.99 -15.27
N PHE A 147 -6.56 -0.04 -14.34
CA PHE A 147 -5.35 0.77 -14.32
C PHE A 147 -4.14 -0.10 -14.01
N MET A 148 -4.27 -1.01 -13.06
CA MET A 148 -3.15 -1.90 -12.73
C MET A 148 -2.80 -2.81 -13.91
N ARG A 149 -3.81 -3.31 -14.64
CA ARG A 149 -3.49 -4.06 -15.84
C ARG A 149 -2.69 -3.20 -16.83
N SER A 150 -2.99 -1.91 -16.89
CA SER A 150 -2.37 -1.02 -17.88
C SER A 150 -0.89 -0.76 -17.60
N ILE A 151 -0.43 -0.95 -16.36
CA ILE A 151 0.99 -0.86 -16.03
C ILE A 151 1.66 -2.23 -15.99
N GLY A 152 0.95 -3.28 -16.39
CA GLY A 152 1.52 -4.61 -16.50
C GLY A 152 1.32 -5.53 -15.31
N ASP A 153 0.49 -5.16 -14.35
CA ASP A 153 0.22 -5.99 -13.19
C ASP A 153 -0.97 -6.89 -13.51
N THR A 154 -0.73 -8.20 -13.61
CA THR A 154 -1.78 -9.18 -13.92
C THR A 154 -2.31 -9.91 -12.68
N THR A 155 -1.80 -9.59 -11.48
CA THR A 155 -2.16 -10.26 -10.23
C THR A 155 -3.22 -9.48 -9.45
N PHE A 156 -3.03 -8.17 -9.31
CA PHE A 156 -3.92 -7.32 -8.53
C PHE A 156 -5.36 -7.51 -8.96
N ARG A 157 -6.25 -7.63 -7.96
CA ARG A 157 -7.68 -7.52 -8.24
C ARG A 157 -8.40 -6.83 -7.09
N LEU A 158 -9.15 -5.78 -7.42
CA LEU A 158 -10.11 -5.19 -6.50
C LEU A 158 -11.50 -5.56 -7.00
N ASP A 159 -12.35 -6.00 -6.07
CA ASP A 159 -13.68 -6.54 -6.37
C ASP A 159 -14.82 -5.82 -5.67
N ARG A 160 -14.56 -5.23 -4.51
CA ARG A 160 -15.59 -4.64 -3.65
C ARG A 160 -15.15 -3.25 -3.17
N TRP A 161 -16.00 -2.61 -2.35
CA TRP A 161 -15.79 -1.26 -1.82
C TRP A 161 -15.49 -1.33 -0.33
N GLN A 162 -15.10 -0.19 0.27
CA GLN A 162 -14.90 -0.16 1.73
C GLN A 162 -16.32 -0.12 2.32
N LEU A 163 -16.54 -0.90 3.40
CA LEU A 163 -15.60 -1.72 4.12
C LEU A 163 -15.69 -3.21 3.79
N GLU A 164 -16.58 -3.58 2.85
CA GLU A 164 -16.78 -5.01 2.57
C GLU A 164 -15.51 -5.70 2.08
N LEU A 165 -14.61 -4.96 1.40
CA LEU A 165 -13.39 -5.55 0.89
C LEU A 165 -12.43 -6.01 1.99
N ASN A 166 -12.69 -5.70 3.26
CA ASN A 166 -11.82 -6.11 4.36
C ASN A 166 -12.15 -7.48 4.96
N SER A 167 -13.06 -8.28 4.35
CA SER A 167 -13.50 -9.52 5.00
C SER A 167 -12.34 -10.52 5.19
N ALA A 168 -11.36 -10.53 4.31
CA ALA A 168 -10.12 -11.31 4.50
C ALA A 168 -10.41 -12.80 4.71
N ILE A 169 -11.39 -13.33 3.99
CA ILE A 169 -11.81 -14.72 4.19
C ILE A 169 -10.72 -15.68 3.70
N PRO A 170 -10.32 -16.67 4.50
CA PRO A 170 -9.27 -17.60 4.03
C PRO A 170 -9.66 -18.27 2.72
N GLY A 171 -8.74 -18.19 1.76
CA GLY A 171 -8.94 -18.82 0.45
C GLY A 171 -9.68 -17.96 -0.57
N ASP A 172 -10.20 -16.80 -0.18
CA ASP A 172 -10.96 -15.93 -1.06
C ASP A 172 -9.98 -15.05 -1.82
N ALA A 173 -9.99 -15.12 -3.15
CA ALA A 173 -9.12 -14.29 -3.96
C ALA A 173 -9.62 -12.87 -4.19
N ARG A 174 -10.86 -12.54 -3.83
CA ARG A 174 -11.32 -11.16 -4.03
C ARG A 174 -10.47 -10.18 -3.23
N ASP A 175 -10.17 -9.03 -3.83
CA ASP A 175 -9.52 -7.92 -3.12
C ASP A 175 -8.16 -8.35 -2.57
N THR A 176 -7.37 -9.01 -3.42
CA THR A 176 -6.04 -9.49 -3.05
C THR A 176 -5.02 -9.12 -4.11
N SER A 177 -3.74 -9.21 -3.72
CA SER A 177 -2.64 -9.26 -4.67
C SER A 177 -1.54 -10.06 -3.99
N SER A 178 -0.36 -10.07 -4.60
CA SER A 178 0.80 -10.74 -4.00
C SER A 178 1.84 -9.73 -3.57
N PRO A 179 2.65 -10.06 -2.55
CA PRO A 179 3.74 -9.13 -2.19
C PRO A 179 4.63 -8.75 -3.37
N ARG A 180 4.92 -9.72 -4.24
CA ARG A 180 5.77 -9.44 -5.40
C ARG A 180 5.11 -8.45 -6.35
N ALA A 181 3.83 -8.67 -6.70
CA ALA A 181 3.18 -7.77 -7.66
C ALA A 181 3.02 -6.37 -7.07
N VAL A 182 2.72 -6.27 -5.76
CA VAL A 182 2.67 -4.96 -5.10
C VAL A 182 3.99 -4.23 -5.25
N THR A 183 5.09 -4.89 -4.93
CA THR A 183 6.40 -4.25 -5.04
C THR A 183 6.72 -3.86 -6.47
N GLU A 184 6.51 -4.76 -7.43
CA GLU A 184 6.77 -4.44 -8.82
C GLU A 184 5.98 -3.24 -9.31
N SER A 185 4.70 -3.15 -8.93
CA SER A 185 3.88 -2.02 -9.36
C SER A 185 4.30 -0.75 -8.66
N LEU A 186 4.59 -0.84 -7.37
CA LEU A 186 5.06 0.33 -6.62
C LEU A 186 6.33 0.89 -7.24
N GLN A 187 7.24 0.01 -7.66
N GLN A 187 7.24 0.01 -7.67
CA GLN A 187 8.47 0.47 -8.29
CA GLN A 187 8.47 0.48 -8.30
C GLN A 187 8.18 1.23 -9.59
C GLN A 187 8.18 1.23 -9.59
N LYS A 188 7.30 0.67 -10.43
CA LYS A 188 6.99 1.32 -11.70
C LYS A 188 6.41 2.71 -11.48
N LEU A 189 5.59 2.88 -10.44
CA LEU A 189 4.87 4.13 -10.23
C LEU A 189 5.72 5.18 -9.53
N THR A 190 6.62 4.79 -8.63
CA THR A 190 7.40 5.75 -7.85
C THR A 190 8.77 6.04 -8.44
N LEU A 191 9.33 5.09 -9.20
CA LEU A 191 10.70 5.18 -9.69
C LEU A 191 10.80 5.02 -11.20
N GLY A 192 9.90 4.24 -11.79
CA GLY A 192 9.90 3.96 -13.22
C GLY A 192 9.12 4.99 -14.00
N SER A 193 8.60 4.57 -15.15
CA SER A 193 8.01 5.49 -16.12
C SER A 193 6.49 5.41 -16.21
N ALA A 194 5.83 4.72 -15.27
CA ALA A 194 4.38 4.53 -15.39
C ALA A 194 3.60 5.84 -15.23
N LEU A 195 4.15 6.78 -14.47
CA LEU A 195 3.60 8.13 -14.35
C LEU A 195 4.59 9.13 -14.92
N ALA A 196 4.07 10.22 -15.48
CA ALA A 196 4.91 11.34 -15.88
C ALA A 196 5.58 11.95 -14.66
N ALA A 197 6.70 12.65 -14.90
CA ALA A 197 7.58 13.03 -13.79
C ALA A 197 6.91 13.89 -12.73
N PRO A 198 6.10 14.90 -13.05
CA PRO A 198 5.44 15.67 -11.98
C PRO A 198 4.46 14.84 -11.17
N GLN A 199 3.68 13.99 -11.83
CA GLN A 199 2.76 13.12 -11.12
C GLN A 199 3.52 12.08 -10.28
N ARG A 200 4.65 11.60 -10.77
N ARG A 200 4.66 11.61 -10.77
CA ARG A 200 5.48 10.66 -10.01
CA ARG A 200 5.45 10.65 -9.99
C ARG A 200 5.92 11.26 -8.69
C ARG A 200 5.91 11.27 -8.68
N GLN A 201 6.44 12.49 -8.73
CA GLN A 201 6.91 13.12 -7.51
C GLN A 201 5.77 13.41 -6.55
N GLN A 202 4.59 13.76 -7.07
CA GLN A 202 3.43 13.94 -6.22
C GLN A 202 3.02 12.65 -5.51
N PHE A 203 3.01 11.52 -6.23
CA PHE A 203 2.72 10.23 -5.60
C PHE A 203 3.73 9.95 -4.49
N VAL A 204 5.01 10.17 -4.79
CA VAL A 204 6.05 10.00 -3.77
C VAL A 204 5.81 10.90 -2.56
N ASP A 205 5.51 12.18 -2.81
CA ASP A 205 5.30 13.12 -1.70
C ASP A 205 4.11 12.70 -0.82
N TRP A 206 3.02 12.23 -1.43
CA TRP A 206 1.90 11.72 -0.64
C TRP A 206 2.34 10.56 0.23
N LEU A 207 3.05 9.58 -0.34
CA LEU A 207 3.50 8.43 0.43
C LEU A 207 4.44 8.85 1.56
N LYS A 208 5.33 9.80 1.28
CA LYS A 208 6.25 10.27 2.32
C LYS A 208 5.51 10.88 3.51
N GLY A 209 4.37 11.55 3.27
CA GLY A 209 3.61 12.18 4.31
C GLY A 209 2.64 11.27 5.04
N ASN A 210 2.69 9.96 4.81
CA ASN A 210 1.73 9.10 5.49
C ASN A 210 1.94 9.15 7.00
N THR A 211 0.83 9.09 7.74
CA THR A 211 0.83 9.17 9.19
C THR A 211 0.52 7.86 9.91
N THR A 212 0.10 6.81 9.19
CA THR A 212 -0.41 5.62 9.84
C THR A 212 0.61 4.49 9.92
N GLY A 213 1.85 4.70 9.49
CA GLY A 213 2.79 3.60 9.37
C GLY A 213 3.99 3.68 10.28
N ASN A 214 3.93 4.47 11.35
CA ASN A 214 5.14 4.67 12.16
C ASN A 214 5.63 3.40 12.86
N HIS A 215 4.75 2.41 13.06
CA HIS A 215 5.11 1.18 13.77
C HIS A 215 5.32 -0.02 12.84
N ARG A 216 5.37 0.21 11.52
CA ARG A 216 5.55 -0.87 10.55
C ARG A 216 6.90 -0.74 9.84
N ILE A 217 6.94 -0.62 8.50
CA ILE A 217 8.24 -0.59 7.82
C ILE A 217 9.10 0.57 8.33
N ARG A 218 8.47 1.72 8.61
CA ARG A 218 9.23 2.89 9.09
C ARG A 218 10.00 2.59 10.37
N ALA A 219 9.47 1.72 11.24
CA ALA A 219 10.15 1.38 12.48
C ALA A 219 11.43 0.60 12.25
N ALA A 220 11.65 0.06 11.04
CA ALA A 220 12.88 -0.63 10.70
C ALA A 220 13.86 0.25 9.92
N VAL A 221 13.49 1.47 9.61
CA VAL A 221 14.23 2.37 8.71
C VAL A 221 14.86 3.46 9.56
N PRO A 222 16.17 3.68 9.47
CA PRO A 222 16.79 4.76 10.22
C PRO A 222 16.17 6.12 9.93
N ALA A 223 16.16 6.98 10.95
CA ALA A 223 15.51 8.28 10.85
C ALA A 223 16.13 9.19 9.80
N ASP A 224 17.40 9.02 9.46
CA ASP A 224 18.04 9.88 8.47
C ASP A 224 17.84 9.40 7.02
N TRP A 225 16.98 8.41 6.76
CA TRP A 225 16.66 7.99 5.40
C TRP A 225 15.25 8.45 5.04
N ALA A 226 15.04 8.78 3.78
CA ALA A 226 13.68 9.10 3.33
C ALA A 226 12.87 7.83 3.12
N VAL A 227 11.56 7.93 3.34
CA VAL A 227 10.67 6.76 3.17
C VAL A 227 9.23 7.24 2.93
N GLY A 228 8.54 6.52 2.06
CA GLY A 228 7.10 6.67 1.91
C GLY A 228 6.44 5.30 1.95
N ASP A 229 5.21 5.26 2.47
CA ASP A 229 4.52 3.98 2.61
C ASP A 229 3.01 4.13 2.58
N LYS A 230 2.34 2.98 2.43
CA LYS A 230 0.89 2.88 2.64
C LYS A 230 0.58 1.59 3.39
N THR A 231 -0.23 1.69 4.44
CA THR A 231 -0.64 0.58 5.29
C THR A 231 -2.01 0.01 4.92
N GLY A 232 -2.30 -1.14 5.51
CA GLY A 232 -3.62 -1.76 5.48
C GLY A 232 -3.87 -2.57 6.73
N THR A 233 -5.09 -2.55 7.27
CA THR A 233 -5.46 -3.37 8.44
C THR A 233 -6.91 -3.80 8.26
N CYS A 234 -7.15 -5.09 8.00
CA CYS A 234 -8.52 -5.53 7.70
C CYS A 234 -9.39 -5.59 8.95
N GLY A 235 -8.81 -5.91 10.11
CA GLY A 235 -9.55 -6.04 11.36
C GLY A 235 -9.95 -7.45 11.74
N VAL A 236 -9.70 -8.43 10.87
CA VAL A 236 -10.02 -9.83 11.09
C VAL A 236 -8.88 -10.68 10.54
N TYR A 237 -8.86 -11.95 10.96
CA TYR A 237 -7.94 -12.96 10.40
C TYR A 237 -6.48 -12.51 10.43
N GLY A 238 -6.09 -11.81 11.49
CA GLY A 238 -4.73 -11.34 11.64
C GLY A 238 -4.12 -10.70 10.42
N THR A 239 -4.94 -10.00 9.64
CA THR A 239 -4.57 -9.55 8.31
C THR A 239 -4.25 -8.05 8.32
N ALA A 240 -3.01 -7.73 7.98
CA ALA A 240 -2.51 -6.35 7.94
C ALA A 240 -1.25 -6.32 7.09
N ASN A 241 -0.82 -5.13 6.70
CA ASN A 241 0.22 -5.03 5.69
C ASN A 241 0.79 -3.61 5.65
N ASP A 242 1.87 -3.45 4.85
CA ASP A 242 2.51 -2.18 4.57
C ASP A 242 3.40 -2.39 3.35
N TYR A 243 3.48 -1.37 2.48
CA TYR A 243 4.46 -1.35 1.40
C TYR A 243 5.14 0.02 1.38
N ALA A 244 6.38 0.05 0.91
CA ALA A 244 7.17 1.25 1.03
C ALA A 244 8.26 1.34 -0.04
N VAL A 245 8.65 2.59 -0.34
CA VAL A 245 9.90 2.91 -1.01
C VAL A 245 10.80 3.60 0.00
N VAL A 246 12.06 3.17 0.04
CA VAL A 246 13.03 3.61 1.03
C VAL A 246 14.26 4.08 0.29
N TRP A 247 14.77 5.27 0.65
CA TRP A 247 15.98 5.83 0.07
C TRP A 247 17.10 5.86 1.12
N PRO A 248 17.87 4.79 1.26
CA PRO A 248 19.07 4.84 2.10
C PRO A 248 20.06 5.83 1.50
N THR A 249 20.80 6.54 2.35
CA THR A 249 21.74 7.52 1.81
C THR A 249 22.91 6.79 1.14
N GLY A 250 23.37 7.36 0.03
CA GLY A 250 24.53 6.84 -0.65
C GLY A 250 24.36 5.60 -1.51
N ARG A 251 23.14 5.09 -1.68
CA ARG A 251 22.89 3.93 -2.52
C ARG A 251 21.50 4.04 -3.13
N ALA A 252 21.19 3.09 -4.01
CA ALA A 252 19.92 3.10 -4.74
C ALA A 252 18.74 2.75 -3.84
N PRO A 253 17.54 3.20 -4.18
CA PRO A 253 16.41 2.93 -3.30
C PRO A 253 15.97 1.46 -3.31
N ILE A 254 15.29 1.11 -2.21
CA ILE A 254 14.74 -0.21 -1.96
C ILE A 254 13.23 -0.11 -2.01
N VAL A 255 12.58 -1.06 -2.66
CA VAL A 255 11.12 -1.15 -2.69
C VAL A 255 10.72 -2.45 -2.01
N LEU A 256 9.76 -2.42 -1.09
CA LEU A 256 9.36 -3.66 -0.43
C LEU A 256 7.90 -3.66 0.00
N ALA A 257 7.40 -4.88 0.19
CA ALA A 257 6.03 -5.14 0.62
C ALA A 257 6.03 -6.25 1.66
N VAL A 258 5.23 -6.06 2.71
CA VAL A 258 5.09 -7.00 3.82
C VAL A 258 3.60 -7.18 4.10
N TYR A 259 3.08 -8.41 3.89
CA TYR A 259 1.67 -8.74 4.08
C TYR A 259 1.53 -9.88 5.10
N THR A 260 0.49 -9.86 5.92
CA THR A 260 0.24 -10.94 6.87
C THR A 260 -1.21 -11.41 6.82
N ARG A 261 -1.43 -12.65 7.25
N ARG A 261 -1.42 -12.65 7.26
CA ARG A 261 -2.76 -13.17 7.53
CA ARG A 261 -2.75 -13.18 7.55
C ARG A 261 -2.61 -14.33 8.52
C ARG A 261 -2.60 -14.29 8.57
N ALA A 262 -3.75 -14.79 9.06
CA ALA A 262 -3.76 -15.84 10.07
C ALA A 262 -5.04 -16.65 9.91
N PRO A 263 -5.10 -17.86 10.47
CA PRO A 263 -6.20 -18.78 10.11
C PRO A 263 -7.54 -18.50 10.78
N ASN A 264 -7.58 -17.86 11.95
CA ASN A 264 -8.83 -17.71 12.71
C ASN A 264 -9.34 -16.28 12.64
N LYS A 265 -10.66 -16.13 12.60
CA LYS A 265 -11.25 -14.81 12.39
C LYS A 265 -10.79 -13.83 13.46
N ASP A 266 -10.69 -14.30 14.70
CA ASP A 266 -10.36 -13.40 15.80
C ASP A 266 -8.87 -13.35 16.12
N ASP A 267 -8.00 -13.93 15.28
CA ASP A 267 -6.57 -13.72 15.44
C ASP A 267 -6.25 -12.23 15.25
N LYS A 268 -5.41 -11.70 16.11
CA LYS A 268 -5.07 -10.28 16.02
C LYS A 268 -3.88 -10.05 15.10
N HIS A 269 -3.87 -8.89 14.44
CA HIS A 269 -2.72 -8.52 13.64
C HIS A 269 -1.61 -8.01 14.57
N SER A 270 -0.40 -7.90 14.02
CA SER A 270 0.75 -7.41 14.77
C SER A 270 1.55 -6.39 13.96
N GLU A 271 1.65 -5.15 14.47
CA GLU A 271 2.56 -4.19 13.85
C GLU A 271 4.00 -4.62 14.03
N ALA A 272 4.35 -5.14 15.21
CA ALA A 272 5.72 -5.54 15.48
C ALA A 272 6.21 -6.60 14.50
N VAL A 273 5.34 -7.52 14.09
CA VAL A 273 5.78 -8.56 13.16
C VAL A 273 6.07 -7.95 11.80
N ILE A 274 5.33 -6.91 11.40
CA ILE A 274 5.60 -6.26 10.13
C ILE A 274 6.95 -5.54 10.16
N ALA A 275 7.22 -4.78 11.23
CA ALA A 275 8.53 -4.17 11.40
C ALA A 275 9.65 -5.21 11.40
N ALA A 276 9.46 -6.32 12.11
CA ALA A 276 10.52 -7.33 12.18
C ALA A 276 10.78 -7.96 10.81
N ALA A 277 9.71 -8.21 10.03
CA ALA A 277 9.88 -8.74 8.68
C ALA A 277 10.64 -7.75 7.79
N ALA A 278 10.34 -6.45 7.92
CA ALA A 278 11.07 -5.43 7.17
C ALA A 278 12.55 -5.41 7.55
N ARG A 279 12.86 -5.52 8.84
CA ARG A 279 14.25 -5.58 9.26
C ARG A 279 14.98 -6.76 8.62
N LEU A 280 14.34 -7.95 8.61
CA LEU A 280 14.94 -9.12 8.00
C LEU A 280 15.16 -8.92 6.50
N ALA A 281 14.22 -8.27 5.82
CA ALA A 281 14.38 -8.02 4.39
C ALA A 281 15.60 -7.14 4.12
N LEU A 282 15.74 -6.04 4.88
CA LEU A 282 16.88 -5.17 4.67
C LEU A 282 18.19 -5.90 4.99
N GLU A 283 18.21 -6.70 6.06
CA GLU A 283 19.41 -7.48 6.36
C GLU A 283 19.73 -8.43 5.22
N GLY A 284 18.70 -9.06 4.65
CA GLY A 284 18.91 -9.99 3.55
C GLY A 284 19.49 -9.34 2.32
N LEU A 285 19.15 -8.07 2.08
CA LEU A 285 19.71 -7.28 0.98
C LEU A 285 21.08 -6.68 1.31
N GLY A 286 21.56 -6.84 2.54
CA GLY A 286 22.86 -6.29 2.88
C GLY A 286 22.85 -4.79 3.02
N VAL A 287 21.69 -4.21 3.28
CA VAL A 287 21.58 -2.77 3.53
C VAL A 287 21.82 -2.56 5.03
N ASN A 288 22.92 -1.90 5.38
CA ASN A 288 23.19 -1.58 6.78
C ASN A 288 22.17 -0.55 7.27
N GLY A 289 21.48 -0.87 8.35
CA GLY A 289 20.47 0.00 8.92
C GLY A 289 20.62 0.11 10.42
#